data_3M2W
#
_entry.id   3M2W
#
_cell.length_a   102.982
_cell.length_b   102.982
_cell.length_c   165.433
_cell.angle_alpha   90.00
_cell.angle_beta   90.00
_cell.angle_gamma   120.00
#
_symmetry.space_group_name_H-M   'P 63 2 2'
#
loop_
_entity.id
_entity.type
_entity.pdbx_description
1 polymer 'MAP kinase-activated protein kinase 2'
2 non-polymer "2'-(2-fluorophenyl)-1-methyl-6',8',9',11'-tetrahydrospiro[azetidine-3,10'-pyrido[3',4':4,5]pyrrolo[2,3-f]isoquinolin]-7'(5'H)-one"
3 non-polymer 'MAGNESIUM ION'
4 water water
#
_entity_poly.entity_id   1
_entity_poly.type   'polypeptide(L)'
_entity_poly.pdbx_seq_one_letter_code
;GPHVKSGLQIKKNAIIDDYKVTSQVLGLGINGKVLQIFNKRTQEKFALKMLQDCPKARREVELHWRASQCPHIVRIVDVY
ENLYAGRKCLLIVMECLDGGELFSRIQDRGDQAFTEREASEIMKSIGEAIQYLHSINIAHRDVKPENLLYTSKRPNAILK
LTDFGFAKETTGEKYDKSCDMWSLGVIMYILLCGYPPFYSNHGLAISPGMKTRIRMGQYEFPNPEWSEVSEEVKMLIRNL
LKTEPTQRMTITEFMNHPWIMQSTKVPQTPLHTSRVLKEDKERWEDVKEEMTSALATMR
;
_entity_poly.pdbx_strand_id   A
#
loop_
_chem_comp.id
_chem_comp.type
_chem_comp.name
_chem_comp.formula
L8I non-polymer 2'-(2-fluorophenyl)-1-methyl-6',8',9',11'-tetrahydrospiro[azetidine-3,10'-pyrido[3',4':4,5]pyrrolo[2,3-f]isoquinolin]-7'(5'H)-one 'C23 H21 F N4 O'
MG non-polymer 'MAGNESIUM ION' 'Mg 2'
#
# COMPACT_ATOMS: atom_id res chain seq x y z
N HIS A 3 -13.83 20.92 9.82
CA HIS A 3 -14.09 21.34 8.40
C HIS A 3 -15.06 20.37 7.69
N VAL A 4 -15.73 20.88 6.65
CA VAL A 4 -16.78 20.16 5.94
C VAL A 4 -16.35 19.90 4.52
N LYS A 5 -16.54 18.67 4.04
CA LYS A 5 -16.14 18.31 2.67
C LYS A 5 -17.32 17.75 1.90
N SER A 6 -17.16 17.75 0.58
CA SER A 6 -18.18 17.29 -0.31
C SER A 6 -18.30 15.78 -0.30
N GLY A 7 -19.51 15.29 -0.52
CA GLY A 7 -19.79 13.87 -0.54
C GLY A 7 -19.55 13.36 -1.93
N LEU A 8 -19.55 12.06 -2.09
CA LEU A 8 -19.27 11.39 -3.35
C LEU A 8 -20.47 11.48 -4.27
N GLN A 9 -20.28 12.10 -5.44
CA GLN A 9 -21.31 12.17 -6.45
C GLN A 9 -20.98 11.19 -7.56
N ILE A 10 -21.64 10.05 -7.56
CA ILE A 10 -21.44 9.07 -8.63
C ILE A 10 -22.02 9.52 -9.97
N LYS A 11 -21.22 9.61 -11.01
CA LYS A 11 -21.69 10.01 -12.33
C LYS A 11 -22.40 8.83 -13.03
N LYS A 12 -23.47 9.09 -13.77
CA LYS A 12 -24.17 7.98 -14.47
C LYS A 12 -23.90 7.95 -15.95
N ASN A 13 -23.43 9.05 -16.52
CA ASN A 13 -23.11 9.05 -17.95
C ASN A 13 -22.02 8.01 -18.28
N ALA A 14 -21.99 7.55 -19.52
CA ALA A 14 -21.06 6.52 -19.95
C ALA A 14 -19.68 7.10 -19.82
N ILE A 15 -18.75 6.33 -19.25
CA ILE A 15 -17.40 6.82 -18.99
C ILE A 15 -16.71 7.16 -20.31
N ILE A 16 -17.05 6.45 -21.39
CA ILE A 16 -16.48 6.76 -22.70
C ILE A 16 -16.87 8.14 -23.24
N ASP A 17 -17.79 8.86 -22.60
CA ASP A 17 -18.03 10.23 -23.04
C ASP A 17 -16.86 11.11 -22.59
N ASP A 18 -16.13 10.66 -21.59
CA ASP A 18 -15.16 11.51 -20.91
C ASP A 18 -13.71 11.05 -21.08
N TYR A 19 -13.51 9.75 -21.28
CA TYR A 19 -12.20 9.14 -21.25
C TYR A 19 -12.10 8.19 -22.39
N LYS A 20 -10.88 7.98 -22.88
CA LYS A 20 -10.64 6.91 -23.82
C LYS A 20 -10.26 5.71 -22.98
N VAL A 21 -10.88 4.56 -23.23
N VAL A 21 -11.08 4.69 -23.12
CA VAL A 21 -10.60 3.37 -22.40
CA VAL A 21 -10.88 3.39 -22.56
C VAL A 21 -9.82 2.28 -23.15
C VAL A 21 -11.17 2.52 -23.77
N THR A 22 -8.57 2.05 -22.75
N THR A 22 -10.25 1.63 -24.10
CA THR A 22 -7.70 1.05 -23.42
CA THR A 22 -10.47 0.73 -25.23
C THR A 22 -7.85 -0.36 -22.82
C THR A 22 -11.34 -0.42 -24.73
N SER A 23 -7.10 -1.32 -23.36
N SER A 23 -11.86 -1.21 -25.66
CA SER A 23 -7.15 -2.70 -22.85
CA SER A 23 -12.48 -2.46 -25.32
C SER A 23 -5.94 -3.07 -21.96
C SER A 23 -11.52 -3.23 -24.43
N GLN A 24 -4.95 -2.17 -21.88
N GLN A 24 -10.25 -3.22 -24.82
CA GLN A 24 -3.78 -2.39 -21.02
CA GLN A 24 -9.24 -4.01 -24.12
C GLN A 24 -4.17 -2.50 -19.54
C GLN A 24 -9.15 -3.63 -22.64
N VAL A 25 -3.89 -3.66 -18.95
N VAL A 25 -8.82 -2.36 -22.37
CA VAL A 25 -4.12 -3.86 -17.54
CA VAL A 25 -8.64 -1.90 -20.99
C VAL A 25 -2.93 -3.34 -16.75
C VAL A 25 -9.88 -2.20 -20.10
N LEU A 26 -3.18 -2.48 -15.77
N LEU A 26 -11.07 -2.09 -20.70
CA LEU A 26 -2.10 -1.96 -14.92
CA LEU A 26 -12.32 -2.42 -20.03
C LEU A 26 -2.08 -2.56 -13.50
C LEU A 26 -12.32 -3.92 -19.75
N GLY A 27 -2.89 -3.58 -13.26
N GLY A 27 -11.63 -4.69 -20.58
CA GLY A 27 -2.89 -4.28 -11.97
CA GLY A 27 -11.57 -6.13 -20.45
C GLY A 27 -3.95 -5.37 -11.95
C GLY A 27 -10.63 -6.58 -19.33
N LEU A 28 -3.84 -6.34 -11.04
N LEU A 28 -9.40 -6.11 -19.39
CA LEU A 28 -4.89 -7.36 -10.87
CA LEU A 28 -8.43 -6.46 -18.36
C LEU A 28 -5.27 -7.53 -9.40
C LEU A 28 -8.93 -5.92 -17.01
N GLY A 29 -6.56 -7.78 -9.15
N GLY A 29 -9.73 -4.86 -17.10
CA GLY A 29 -7.09 -7.83 -7.79
CA GLY A 29 -10.19 -4.13 -15.92
C GLY A 29 -8.25 -8.80 -7.65
C GLY A 29 -11.23 -4.87 -15.12
N ILE A 30 -8.19 -9.62 -6.60
N ILE A 30 -12.17 -5.52 -15.79
CA ILE A 30 -9.19 -10.65 -6.36
CA ILE A 30 -13.21 -6.26 -15.08
C ILE A 30 -10.58 -10.04 -6.34
C ILE A 30 -12.52 -7.36 -14.32
N ASN A 31 -10.72 -8.87 -6.98
N ASN A 31 -11.48 -7.91 -14.95
CA ASN A 31 -11.98 -8.11 -6.93
CA ASN A 31 -10.72 -9.02 -14.36
C ASN A 31 -12.27 -7.43 -8.25
C ASN A 31 -9.83 -8.54 -13.21
N GLY A 32 -11.32 -7.47 -9.17
N GLY A 32 -9.54 -7.25 -13.19
CA GLY A 32 -11.50 -6.83 -10.47
CA GLY A 32 -8.94 -6.66 -11.99
C GLY A 32 -10.15 -6.48 -11.08
C GLY A 32 -7.67 -5.88 -12.13
N LYS A 33 -10.16 -5.67 -12.13
N LYS A 33 -7.29 -5.54 -13.35
CA LYS A 33 -8.92 -5.29 -12.79
CA LYS A 33 -6.11 -4.72 -13.55
C LYS A 33 -8.73 -3.77 -12.79
C LYS A 33 -6.47 -3.25 -13.52
N VAL A 34 -7.52 -3.36 -13.18
N VAL A 34 -5.64 -2.45 -12.89
CA VAL A 34 -7.19 -1.96 -13.37
CA VAL A 34 -5.77 -0.99 -12.94
C VAL A 34 -6.67 -1.74 -14.79
C VAL A 34 -4.76 -0.47 -13.97
N LEU A 35 -7.32 -0.84 -15.53
N LEU A 35 -5.25 0.12 -15.05
CA LEU A 35 -6.95 -0.60 -16.92
CA LEU A 35 -4.37 0.48 -16.16
C LEU A 35 -6.38 0.81 -17.14
C LEU A 35 -4.58 1.93 -16.60
N GLN A 36 -5.65 1.00 -18.23
N GLN A 36 -3.67 2.43 -17.44
CA GLN A 36 -5.09 2.31 -18.58
CA GLN A 36 -3.75 3.82 -17.92
C GLN A 36 -6.12 3.12 -19.35
C GLN A 36 -4.89 4.05 -18.90
N ILE A 37 -6.19 4.42 -19.04
N ILE A 37 -5.77 5.00 -18.58
CA ILE A 37 -7.11 5.34 -19.72
CA ILE A 37 -6.82 5.47 -19.48
C ILE A 37 -6.62 6.79 -19.76
C ILE A 37 -6.62 6.96 -19.64
N PHE A 38 -7.17 7.56 -20.70
CA PHE A 38 -6.85 8.98 -20.96
C PHE A 38 -8.10 9.86 -21.01
N ASN A 39 -8.09 10.95 -20.25
CA ASN A 39 -9.14 11.93 -20.36
C ASN A 39 -9.18 12.49 -21.79
N LYS A 40 -10.38 12.58 -22.37
CA LYS A 40 -10.51 12.89 -23.80
C LYS A 40 -10.15 14.32 -24.14
N ARG A 41 -10.62 15.26 -23.33
CA ARG A 41 -10.38 16.65 -23.58
C ARG A 41 -8.96 17.09 -23.17
N THR A 42 -8.46 16.65 -22.02
CA THR A 42 -7.13 17.05 -21.57
C THR A 42 -6.00 16.10 -21.99
N GLN A 43 -6.34 14.89 -22.38
CA GLN A 43 -5.33 13.84 -22.69
C GLN A 43 -4.44 13.37 -21.51
N GLU A 44 -4.54 14.00 -20.33
CA GLU A 44 -3.98 13.41 -19.08
C GLU A 44 -4.22 11.91 -18.99
N LYS A 45 -3.24 11.17 -18.46
CA LYS A 45 -3.41 9.74 -18.24
C LYS A 45 -3.98 9.50 -16.83
N PHE A 46 -4.79 8.45 -16.68
CA PHE A 46 -5.38 8.10 -15.39
C PHE A 46 -5.48 6.61 -15.29
N ALA A 47 -5.82 6.12 -14.10
CA ALA A 47 -6.02 4.69 -13.90
C ALA A 47 -7.51 4.45 -13.69
N LEU A 48 -7.96 3.25 -14.03
CA LEU A 48 -9.36 2.92 -13.87
C LEU A 48 -9.47 1.63 -13.09
N LYS A 49 -10.12 1.71 -11.93
CA LYS A 49 -10.41 0.51 -11.20
C LYS A 49 -11.88 0.11 -11.47
N MET A 50 -12.13 -1.14 -11.83
CA MET A 50 -13.48 -1.63 -12.10
C MET A 50 -13.95 -2.58 -11.02
N LEU A 51 -15.10 -2.29 -10.43
CA LEU A 51 -15.74 -3.17 -9.48
C LEU A 51 -17.14 -3.48 -9.97
N GLN A 52 -17.56 -4.72 -9.77
CA GLN A 52 -18.95 -5.10 -9.96
C GLN A 52 -19.68 -4.42 -8.84
N ASP A 53 -20.77 -3.72 -9.14
CA ASP A 53 -21.51 -3.01 -8.10
C ASP A 53 -22.10 -3.96 -7.08
N CYS A 54 -21.85 -3.70 -5.81
CA CYS A 54 -22.42 -4.45 -4.71
C CYS A 54 -22.13 -3.69 -3.44
N PRO A 55 -22.67 -4.15 -2.30
CA PRO A 55 -22.49 -3.43 -1.05
C PRO A 55 -21.02 -3.21 -0.67
N LYS A 56 -20.21 -4.21 -0.91
CA LYS A 56 -18.83 -4.14 -0.57
C LYS A 56 -18.11 -3.16 -1.47
N ALA A 57 -18.48 -3.13 -2.74
CA ALA A 57 -17.86 -2.21 -3.69
C ALA A 57 -18.21 -0.77 -3.28
N ARG A 58 -19.47 -0.57 -2.88
CA ARG A 58 -19.96 0.72 -2.45
C ARG A 58 -19.26 1.21 -1.20
N ARG A 59 -18.96 0.28 -0.29
CA ARG A 59 -18.23 0.66 0.90
C ARG A 59 -16.79 1.03 0.55
N GLU A 60 -16.17 0.27 -0.36
CA GLU A 60 -14.80 0.58 -0.81
C GLU A 60 -14.70 2.01 -1.35
N VAL A 61 -15.63 2.36 -2.22
CA VAL A 61 -15.62 3.65 -2.88
C VAL A 61 -15.90 4.77 -1.88
N GLU A 62 -16.83 4.54 -0.98
CA GLU A 62 -17.16 5.55 -0.02
C GLU A 62 -15.98 5.84 0.92
N LEU A 63 -15.40 4.79 1.50
CA LEU A 63 -14.32 5.00 2.46
C LEU A 63 -13.10 5.58 1.76
N HIS A 64 -12.86 5.16 0.53
CA HIS A 64 -11.70 5.63 -0.21
C HIS A 64 -11.94 7.09 -0.59
N TRP A 65 -13.18 7.43 -0.91
CA TRP A 65 -13.51 8.83 -1.17
C TRP A 65 -13.18 9.71 0.01
N ARG A 66 -13.46 9.27 1.23
CA ARG A 66 -13.15 10.07 2.42
C ARG A 66 -11.66 10.28 2.59
N ALA A 67 -10.91 9.27 2.17
CA ALA A 67 -9.48 9.20 2.37
C ALA A 67 -8.74 9.96 1.31
N SER A 68 -9.43 10.31 0.24
CA SER A 68 -8.78 10.63 -1.03
C SER A 68 -7.86 11.85 -0.99
N GLN A 69 -8.22 12.86 -0.23
CA GLN A 69 -7.44 14.10 -0.22
C GLN A 69 -6.07 13.98 0.52
N CYS A 70 -5.87 12.89 1.26
CA CYS A 70 -4.56 12.62 1.89
C CYS A 70 -3.45 12.56 0.85
N PRO A 71 -2.36 13.31 1.06
CA PRO A 71 -1.24 13.32 0.12
C PRO A 71 -0.51 11.99 -0.01
N HIS A 72 -0.73 11.07 0.93
CA HIS A 72 -0.10 9.75 0.76
C HIS A 72 -1.07 8.61 0.51
N ILE A 73 -2.28 8.95 0.04
CA ILE A 73 -3.29 7.97 -0.41
C ILE A 73 -3.65 8.31 -1.84
N VAL A 74 -3.85 7.31 -2.68
CA VAL A 74 -4.14 7.54 -4.08
C VAL A 74 -5.49 8.25 -4.23
N ARG A 75 -5.53 9.23 -5.13
CA ARG A 75 -6.69 10.09 -5.31
C ARG A 75 -7.74 9.51 -6.28
N ILE A 76 -9.00 9.61 -5.88
CA ILE A 76 -10.14 9.30 -6.76
C ILE A 76 -10.54 10.58 -7.47
N VAL A 77 -10.53 10.57 -8.79
CA VAL A 77 -10.93 11.73 -9.59
C VAL A 77 -12.45 11.77 -9.78
N ASP A 78 -13.04 10.62 -10.06
CA ASP A 78 -14.45 10.49 -10.30
C ASP A 78 -14.82 9.02 -10.20
N VAL A 79 -16.07 8.78 -9.85
CA VAL A 79 -16.64 7.44 -9.85
C VAL A 79 -17.87 7.38 -10.75
N TYR A 80 -17.92 6.38 -11.62
CA TYR A 80 -19.05 6.19 -12.53
C TYR A 80 -19.82 4.89 -12.21
N GLU A 81 -21.13 4.96 -12.35
CA GLU A 81 -21.97 3.79 -12.31
C GLU A 81 -22.43 3.57 -13.74
N ASN A 82 -21.97 2.47 -14.32
CA ASN A 82 -22.23 2.18 -15.73
C ASN A 82 -22.57 0.69 -15.90
N LEU A 83 -23.06 0.33 -17.08
CA LEU A 83 -23.22 -1.09 -17.45
C LEU A 83 -22.00 -1.50 -18.30
N TYR A 84 -21.31 -2.57 -17.91
CA TYR A 84 -20.20 -3.06 -18.72
C TYR A 84 -20.26 -4.56 -18.87
N ALA A 85 -20.13 -5.04 -20.11
CA ALA A 85 -20.12 -6.48 -20.38
C ALA A 85 -21.27 -7.17 -19.66
N GLY A 86 -22.45 -6.56 -19.72
CA GLY A 86 -23.63 -7.17 -19.14
C GLY A 86 -23.70 -7.15 -17.63
N ARG A 87 -22.81 -6.41 -16.97
CA ARG A 87 -22.88 -6.27 -15.52
C ARG A 87 -22.84 -4.80 -15.05
N LYS A 88 -23.57 -4.49 -13.98
CA LYS A 88 -23.59 -3.14 -13.43
C LYS A 88 -22.30 -2.86 -12.63
N CYS A 89 -21.54 -1.85 -13.03
CA CYS A 89 -20.24 -1.61 -12.43
C CYS A 89 -20.05 -0.21 -11.89
N LEU A 90 -19.19 -0.14 -10.88
CA LEU A 90 -18.60 1.11 -10.47
C LEU A 90 -17.25 1.19 -11.14
N LEU A 91 -17.08 2.20 -11.95
CA LEU A 91 -15.82 2.46 -12.60
C LEU A 91 -15.16 3.65 -11.89
N ILE A 92 -13.99 3.41 -11.30
CA ILE A 92 -13.32 4.42 -10.50
C ILE A 92 -12.06 4.95 -11.17
N VAL A 93 -12.06 6.25 -11.36
CA VAL A 93 -10.94 6.92 -12.01
C VAL A 93 -10.04 7.43 -10.93
N MET A 94 -8.78 7.06 -11.00
CA MET A 94 -7.79 7.50 -10.02
C MET A 94 -6.58 8.10 -10.71
N GLU A 95 -5.78 8.82 -9.93
CA GLU A 95 -4.52 9.33 -10.40
C GLU A 95 -3.65 8.15 -10.76
N CYS A 96 -2.86 8.34 -11.80
CA CYS A 96 -1.93 7.33 -12.30
C CYS A 96 -0.70 7.20 -11.42
N LEU A 97 -0.34 5.96 -11.08
CA LEU A 97 0.78 5.74 -10.18
C LEU A 97 1.71 4.76 -10.83
N ASP A 98 2.59 5.28 -11.69
CA ASP A 98 3.39 4.42 -12.56
C ASP A 98 4.84 4.30 -12.13
N GLY A 99 5.14 4.70 -10.90
CA GLY A 99 6.47 4.55 -10.36
C GLY A 99 6.83 3.15 -9.88
N GLY A 100 5.90 2.20 -9.94
CA GLY A 100 6.14 0.89 -9.34
C GLY A 100 5.86 0.77 -7.83
N GLU A 101 5.84 -0.47 -7.35
CA GLU A 101 5.68 -0.78 -5.93
C GLU A 101 6.90 -0.40 -5.10
N LEU A 102 6.68 -0.15 -3.82
CA LEU A 102 7.72 0.31 -2.92
C LEU A 102 8.99 -0.53 -2.99
N PHE A 103 8.87 -1.84 -2.82
CA PHE A 103 10.07 -2.65 -2.66
C PHE A 103 10.79 -3.01 -3.96
N SER A 104 10.12 -2.85 -5.10
CA SER A 104 10.74 -3.13 -6.39
C SER A 104 11.81 -2.14 -6.67
N ARG A 105 11.42 -0.89 -6.51
CA ARG A 105 12.36 0.20 -6.52
C ARG A 105 13.61 -0.09 -5.67
N ILE A 106 13.42 -0.35 -4.37
CA ILE A 106 14.53 -0.58 -3.46
C ILE A 106 15.37 -1.74 -3.92
N GLN A 107 14.71 -2.78 -4.39
CA GLN A 107 15.38 -3.97 -4.86
C GLN A 107 16.23 -3.68 -6.09
N ASP A 108 15.80 -2.70 -6.90
CA ASP A 108 16.45 -2.44 -8.17
C ASP A 108 17.63 -1.49 -8.07
N ARG A 109 17.84 -0.89 -6.91
CA ARG A 109 18.95 0.04 -6.74
C ARG A 109 20.31 -0.57 -7.07
N GLY A 110 20.87 -0.15 -8.20
CA GLY A 110 22.15 -0.68 -8.71
C GLY A 110 23.29 -0.51 -7.72
N ASP A 111 23.14 0.45 -6.80
CA ASP A 111 24.13 0.70 -5.76
C ASP A 111 24.07 -0.38 -4.67
N GLN A 112 22.87 -0.90 -4.39
CA GLN A 112 22.65 -1.60 -3.12
C GLN A 112 23.04 -0.64 -1.96
N ALA A 113 22.61 0.63 -2.10
CA ALA A 113 22.90 1.72 -1.15
C ALA A 113 21.60 2.35 -0.59
N PHE A 114 21.02 1.67 0.39
CA PHE A 114 19.77 2.10 1.01
C PHE A 114 20.07 2.35 2.49
N THR A 115 19.61 3.46 3.03
CA THR A 115 19.99 3.82 4.39
C THR A 115 18.84 3.89 5.39
N GLU A 116 19.16 3.57 6.64
CA GLU A 116 18.23 3.71 7.75
C GLU A 116 17.37 4.99 7.66
N ARG A 117 18.00 6.10 7.30
CA ARG A 117 17.29 7.37 7.16
C ARG A 117 16.23 7.29 6.09
N GLU A 118 16.57 6.69 4.95
CA GLU A 118 15.62 6.55 3.87
C GLU A 118 14.41 5.74 4.34
N ALA A 119 14.69 4.66 5.08
CA ALA A 119 13.65 3.82 5.62
C ALA A 119 12.76 4.60 6.55
N SER A 120 13.35 5.45 7.38
CA SER A 120 12.57 6.30 8.26
C SER A 120 11.59 7.19 7.49
N GLU A 121 12.07 7.79 6.41
CA GLU A 121 11.26 8.77 5.67
C GLU A 121 10.11 8.06 4.96
N ILE A 122 10.38 6.86 4.49
CA ILE A 122 9.36 6.05 3.89
C ILE A 122 8.31 5.71 4.96
N MET A 123 8.73 5.28 6.14
CA MET A 123 7.74 4.93 7.16
C MET A 123 6.93 6.13 7.64
N LYS A 124 7.51 7.32 7.60
CA LYS A 124 6.75 8.50 7.95
C LYS A 124 5.63 8.73 6.92
N SER A 125 5.95 8.50 5.65
CA SER A 125 4.95 8.60 4.62
C SER A 125 3.80 7.65 4.85
N ILE A 126 4.11 6.35 4.99
CA ILE A 126 3.05 5.35 5.17
C ILE A 126 2.29 5.74 6.42
N GLY A 127 3.05 6.14 7.45
CA GLY A 127 2.47 6.50 8.73
C GLY A 127 1.46 7.63 8.60
N GLU A 128 1.72 8.57 7.69
CA GLU A 128 0.82 9.69 7.51
C GLU A 128 -0.51 9.24 6.92
N ALA A 129 -0.47 8.32 5.96
CA ALA A 129 -1.71 7.75 5.44
C ALA A 129 -2.54 7.11 6.57
N ILE A 130 -1.89 6.27 7.37
CA ILE A 130 -2.57 5.53 8.41
C ILE A 130 -3.12 6.52 9.41
N GLN A 131 -2.36 7.56 9.68
CA GLN A 131 -2.82 8.55 10.64
C GLN A 131 -4.08 9.27 10.15
N TYR A 132 -4.08 9.70 8.90
CA TYR A 132 -5.21 10.38 8.32
C TYR A 132 -6.46 9.49 8.47
N LEU A 133 -6.32 8.21 8.17
CA LEU A 133 -7.41 7.27 8.25
C LEU A 133 -7.85 7.01 9.67
N HIS A 134 -6.91 6.72 10.55
CA HIS A 134 -7.30 6.34 11.89
C HIS A 134 -7.98 7.50 12.62
N SER A 135 -7.65 8.72 12.25
CA SER A 135 -8.25 9.86 12.93
C SER A 135 -9.68 10.18 12.42
N ILE A 136 -10.06 9.62 11.26
CA ILE A 136 -11.44 9.60 10.84
C ILE A 136 -12.10 8.21 10.98
N ASN A 137 -11.53 7.40 11.87
CA ASN A 137 -12.07 6.10 12.21
C ASN A 137 -12.33 5.17 11.05
N ILE A 138 -11.33 5.10 10.18
CA ILE A 138 -11.27 4.09 9.18
C ILE A 138 -10.00 3.28 9.38
N ALA A 139 -10.13 1.96 9.29
CA ALA A 139 -8.96 1.07 9.29
C ALA A 139 -8.83 0.53 7.88
N HIS A 140 -7.62 0.54 7.34
CA HIS A 140 -7.40 0.08 5.95
C HIS A 140 -7.47 -1.44 5.81
N ARG A 141 -6.69 -2.11 6.68
CA ARG A 141 -6.68 -3.54 6.80
C ARG A 141 -6.05 -4.30 5.62
N ASP A 142 -5.37 -3.62 4.72
CA ASP A 142 -4.68 -4.34 3.65
C ASP A 142 -3.38 -3.64 3.33
N VAL A 143 -2.72 -3.11 4.37
CA VAL A 143 -1.46 -2.41 4.20
C VAL A 143 -0.39 -3.46 4.06
N LYS A 144 0.19 -3.49 2.87
CA LYS A 144 1.20 -4.47 2.52
C LYS A 144 1.94 -4.00 1.25
N PRO A 145 3.02 -4.70 0.91
CA PRO A 145 3.88 -4.21 -0.15
C PRO A 145 3.20 -3.92 -1.46
N GLU A 146 2.34 -4.79 -1.92
CA GLU A 146 1.74 -4.61 -3.24
C GLU A 146 0.80 -3.40 -3.32
N ASN A 147 0.36 -2.87 -2.18
CA ASN A 147 -0.57 -1.75 -2.19
C ASN A 147 0.08 -0.42 -1.92
N LEU A 148 1.41 -0.39 -1.96
CA LEU A 148 2.16 0.84 -1.82
C LEU A 148 2.87 1.15 -3.13
N LEU A 149 2.51 2.26 -3.78
CA LEU A 149 3.02 2.56 -5.10
C LEU A 149 3.48 4.00 -5.24
N TYR A 150 4.40 4.24 -6.16
CA TYR A 150 4.95 5.60 -6.35
C TYR A 150 4.28 6.35 -7.49
N THR A 151 4.21 7.66 -7.36
CA THR A 151 3.57 8.48 -8.38
C THR A 151 4.33 8.41 -9.69
N SER A 152 5.67 8.48 -9.63
CA SER A 152 6.52 8.44 -10.84
C SER A 152 7.83 7.71 -10.57
N LYS A 153 8.58 7.39 -11.64
CA LYS A 153 9.91 6.75 -11.52
C LYS A 153 10.99 7.66 -10.92
N ARG A 154 10.79 8.97 -10.98
CA ARG A 154 11.58 9.92 -10.20
C ARG A 154 12.02 9.38 -8.83
N PRO A 155 13.32 9.49 -8.50
CA PRO A 155 13.71 9.22 -7.12
C PRO A 155 12.88 10.02 -6.08
N ASN A 156 12.40 11.20 -6.45
CA ASN A 156 11.61 12.04 -5.53
C ASN A 156 10.05 11.82 -5.61
N ALA A 157 9.62 10.75 -6.27
CA ALA A 157 8.20 10.38 -6.37
C ALA A 157 7.56 10.21 -5.00
N ILE A 158 6.27 10.50 -4.92
CA ILE A 158 5.50 10.34 -3.70
C ILE A 158 4.97 8.92 -3.63
N LEU A 159 5.06 8.35 -2.42
CA LEU A 159 4.52 7.01 -2.14
C LEU A 159 3.04 7.13 -1.77
N LYS A 160 2.21 6.27 -2.35
CA LYS A 160 0.77 6.29 -2.11
C LYS A 160 0.23 4.92 -1.73
N LEU A 161 -0.60 4.94 -0.68
CA LEU A 161 -1.35 3.76 -0.27
C LEU A 161 -2.55 3.58 -1.20
N THR A 162 -2.77 2.34 -1.65
CA THR A 162 -3.89 1.97 -2.51
C THR A 162 -4.76 0.88 -1.89
N ASP A 163 -5.90 0.64 -2.54
CA ASP A 163 -6.77 -0.55 -2.32
C ASP A 163 -7.61 -0.56 -1.05
N PHE A 164 -8.81 0.00 -1.14
CA PHE A 164 -9.70 0.08 0.00
C PHE A 164 -10.62 -1.10 0.13
N GLY A 165 -10.30 -2.17 -0.58
CA GLY A 165 -11.11 -3.38 -0.57
C GLY A 165 -11.37 -4.04 0.77
N PHE A 166 -10.60 -3.73 1.80
CA PHE A 166 -10.85 -4.31 3.14
C PHE A 166 -11.08 -3.26 4.20
N ALA A 167 -11.01 -1.98 3.82
CA ALA A 167 -11.23 -0.87 4.78
C ALA A 167 -12.60 -0.98 5.47
N LYS A 168 -12.67 -0.57 6.73
CA LYS A 168 -13.94 -0.47 7.40
C LYS A 168 -13.95 0.66 8.42
N GLU A 169 -15.14 1.16 8.73
CA GLU A 169 -15.32 2.11 9.80
C GLU A 169 -15.12 1.41 11.12
N THR A 170 -14.45 2.05 12.04
CA THR A 170 -14.02 1.38 13.25
C THR A 170 -14.73 1.92 14.49
N THR A 171 -15.74 2.74 14.31
CA THR A 171 -16.40 3.32 15.46
C THR A 171 -16.94 2.21 16.38
N GLY A 172 -16.41 2.18 17.60
CA GLY A 172 -16.88 1.22 18.60
C GLY A 172 -16.18 -0.12 18.56
N GLU A 173 -15.21 -0.23 17.66
CA GLU A 173 -14.36 -1.41 17.53
C GLU A 173 -12.94 -0.90 17.21
N LYS A 174 -12.34 -0.24 18.19
CA LYS A 174 -11.07 0.47 17.95
C LYS A 174 -9.93 -0.46 17.57
N TYR A 175 -9.95 -1.71 18.06
CA TYR A 175 -8.86 -2.63 17.78
C TYR A 175 -8.79 -3.06 16.33
N ASP A 176 -9.78 -2.68 15.53
CA ASP A 176 -9.68 -2.85 14.09
C ASP A 176 -8.47 -2.12 13.57
N LYS A 177 -8.08 -1.03 14.21
CA LYS A 177 -6.95 -0.26 13.70
C LYS A 177 -5.60 -0.98 13.87
N SER A 178 -5.58 -1.94 14.78
CA SER A 178 -4.34 -2.58 15.21
C SER A 178 -3.61 -3.30 14.11
N CYS A 179 -4.33 -3.89 13.19
CA CYS A 179 -3.63 -4.66 12.23
C CYS A 179 -2.92 -3.76 11.25
N ASP A 180 -3.40 -2.52 11.13
CA ASP A 180 -2.70 -1.50 10.32
C ASP A 180 -1.35 -1.21 10.99
N MET A 181 -1.31 -1.24 12.31
CA MET A 181 -0.04 -0.99 12.99
C MET A 181 0.96 -2.16 12.82
N TRP A 182 0.44 -3.40 12.91
CA TRP A 182 1.28 -4.57 12.68
C TRP A 182 1.83 -4.51 11.27
N SER A 183 1.00 -4.11 10.31
CA SER A 183 1.50 -3.97 8.94
C SER A 183 2.67 -3.00 8.88
N LEU A 184 2.56 -1.87 9.61
CA LEU A 184 3.66 -0.91 9.64
C LEU A 184 4.93 -1.57 10.21
N GLY A 185 4.76 -2.39 11.24
CA GLY A 185 5.86 -3.08 11.86
C GLY A 185 6.56 -3.97 10.86
N VAL A 186 5.76 -4.71 10.08
CA VAL A 186 6.29 -5.68 9.16
C VAL A 186 7.01 -4.94 8.05
N ILE A 187 6.38 -3.88 7.53
CA ILE A 187 6.99 -3.14 6.43
C ILE A 187 8.29 -2.55 6.88
N MET A 188 8.30 -1.96 8.07
CA MET A 188 9.51 -1.33 8.60
C MET A 188 10.64 -2.36 8.73
N TYR A 189 10.30 -3.55 9.19
CA TYR A 189 11.28 -4.63 9.39
C TYR A 189 11.88 -5.03 8.03
N ILE A 190 11.05 -5.19 7.01
CA ILE A 190 11.57 -5.58 5.69
C ILE A 190 12.47 -4.46 5.12
N LEU A 191 12.04 -3.21 5.29
CA LEU A 191 12.84 -2.06 4.89
C LEU A 191 14.24 -2.09 5.52
N LEU A 192 14.32 -2.57 6.73
CA LEU A 192 15.56 -2.45 7.46
C LEU A 192 16.51 -3.63 7.20
N CYS A 193 16.00 -4.73 6.65
CA CYS A 193 16.89 -5.86 6.45
C CYS A 193 16.70 -6.68 5.19
N GLY A 194 15.57 -6.53 4.51
CA GLY A 194 15.31 -7.30 3.29
C GLY A 194 14.44 -8.53 3.42
N TYR A 195 14.13 -8.96 4.63
CA TYR A 195 13.19 -10.09 4.82
C TYR A 195 12.19 -9.76 5.93
N PRO A 196 11.03 -10.43 5.93
CA PRO A 196 10.02 -10.17 6.94
C PRO A 196 10.29 -10.92 8.25
N PRO A 197 9.65 -10.51 9.34
CA PRO A 197 9.81 -11.16 10.62
C PRO A 197 8.91 -12.35 10.74
N PHE A 198 8.97 -13.23 9.76
CA PHE A 198 8.13 -14.43 9.75
C PHE A 198 8.99 -15.67 9.97
N TYR A 199 8.51 -16.59 10.78
CA TYR A 199 9.08 -17.93 10.85
C TYR A 199 8.38 -18.64 9.69
N SER A 200 9.14 -19.29 8.79
CA SER A 200 8.50 -19.89 7.62
C SER A 200 9.30 -21.07 7.05
N PRO A 208 15.51 -23.66 -0.21
CA PRO A 208 16.30 -24.69 -0.92
C PRO A 208 17.13 -24.07 -2.06
N GLY A 209 18.42 -23.84 -1.79
CA GLY A 209 19.27 -23.00 -2.64
C GLY A 209 19.23 -21.53 -2.19
N MET A 210 18.75 -21.30 -0.97
CA MET A 210 18.61 -19.94 -0.40
C MET A 210 18.89 -19.95 1.09
N LYS A 211 19.49 -18.87 1.61
CA LYS A 211 19.72 -18.76 3.05
C LYS A 211 18.43 -18.68 3.85
N THR A 212 18.40 -19.33 5.02
CA THR A 212 17.34 -19.09 5.98
C THR A 212 17.69 -17.87 6.85
N ARG A 213 16.82 -16.86 6.80
CA ARG A 213 17.11 -15.56 7.40
C ARG A 213 16.71 -15.51 8.88
N ILE A 214 15.58 -16.11 9.20
CA ILE A 214 15.16 -16.26 10.58
C ILE A 214 14.94 -17.74 10.83
N ARG A 215 15.69 -18.29 11.77
CA ARG A 215 15.46 -19.66 12.20
C ARG A 215 14.18 -19.68 13.07
N MET A 216 13.45 -20.79 12.96
CA MET A 216 12.24 -21.04 13.72
C MET A 216 12.45 -20.78 15.22
N GLY A 217 11.72 -19.82 15.77
CA GLY A 217 11.72 -19.55 17.20
C GLY A 217 12.84 -18.66 17.70
N GLN A 218 13.74 -18.25 16.80
CA GLN A 218 14.94 -17.51 17.21
C GLN A 218 14.66 -16.04 17.38
N TYR A 219 15.49 -15.40 18.17
CA TYR A 219 15.53 -13.94 18.33
C TYR A 219 15.41 -13.22 16.98
N GLU A 220 14.67 -12.12 17.01
CA GLU A 220 14.01 -11.57 15.84
C GLU A 220 14.92 -10.71 14.99
N PHE A 221 16.13 -10.42 15.47
CA PHE A 221 16.97 -9.42 14.80
C PHE A 221 18.36 -10.00 14.63
N PRO A 222 18.49 -10.92 13.68
CA PRO A 222 19.73 -11.65 13.42
C PRO A 222 20.88 -10.73 13.09
N ASN A 223 22.02 -11.01 13.69
CA ASN A 223 23.20 -10.15 13.58
C ASN A 223 23.66 -9.80 12.18
N PRO A 224 23.70 -10.76 11.26
CA PRO A 224 24.29 -10.26 10.02
C PRO A 224 23.67 -8.93 9.59
N GLU A 225 22.36 -8.87 9.46
CA GLU A 225 21.71 -7.67 8.92
C GLU A 225 21.36 -6.63 9.99
N TRP A 226 21.22 -7.06 11.23
CA TRP A 226 20.73 -6.16 12.27
C TRP A 226 21.80 -5.59 13.19
N SER A 227 23.05 -5.97 12.98
CA SER A 227 24.09 -5.69 13.96
C SER A 227 24.28 -4.18 14.14
N GLU A 228 24.08 -3.39 13.12
CA GLU A 228 24.32 -1.94 13.23
C GLU A 228 23.03 -1.12 13.49
N VAL A 229 21.92 -1.80 13.71
CA VAL A 229 20.67 -1.09 13.97
C VAL A 229 20.47 -0.88 15.47
N SER A 230 20.11 0.33 15.86
CA SER A 230 20.05 0.64 17.28
C SER A 230 18.97 -0.11 17.99
N GLU A 231 19.17 -0.26 19.30
CA GLU A 231 18.17 -0.84 20.16
C GLU A 231 16.85 -0.03 20.15
N GLU A 232 16.96 1.28 19.99
CA GLU A 232 15.76 2.12 19.94
C GLU A 232 14.85 1.71 18.78
N VAL A 233 15.44 1.44 17.63
CA VAL A 233 14.69 1.05 16.48
C VAL A 233 14.05 -0.32 16.67
N LYS A 234 14.80 -1.23 17.29
CA LYS A 234 14.33 -2.56 17.60
C LYS A 234 13.17 -2.49 18.57
N MET A 235 13.24 -1.58 19.52
CA MET A 235 12.15 -1.41 20.45
C MET A 235 10.91 -0.89 19.72
N LEU A 236 11.11 -0.03 18.73
CA LEU A 236 10.00 0.49 17.95
C LEU A 236 9.31 -0.64 17.20
N ILE A 237 10.08 -1.47 16.52
CA ILE A 237 9.52 -2.63 15.84
C ILE A 237 8.75 -3.55 16.81
N ARG A 238 9.36 -3.89 17.94
CA ARG A 238 8.70 -4.75 18.92
C ARG A 238 7.33 -4.17 19.38
N ASN A 239 7.26 -2.85 19.57
CA ASN A 239 6.00 -2.22 19.95
C ASN A 239 4.94 -2.35 18.86
N LEU A 240 5.37 -2.28 17.59
CA LEU A 240 4.43 -2.40 16.48
C LEU A 240 4.00 -3.85 16.26
N LEU A 241 4.84 -4.80 16.66
CA LEU A 241 4.59 -6.21 16.33
C LEU A 241 3.99 -6.91 17.54
N LYS A 242 3.65 -6.14 18.57
CA LYS A 242 3.26 -6.76 19.80
C LYS A 242 2.07 -7.67 19.54
N THR A 243 2.14 -8.89 20.07
CA THR A 243 1.13 -9.89 19.82
C THR A 243 -0.29 -9.42 20.18
N GLU A 244 -0.41 -8.78 21.34
CA GLU A 244 -1.70 -8.42 21.90
C GLU A 244 -2.13 -7.07 21.36
N PRO A 245 -3.28 -7.01 20.67
CA PRO A 245 -3.71 -5.70 20.21
C PRO A 245 -3.87 -4.66 21.32
N THR A 246 -4.15 -5.09 22.53
CA THR A 246 -4.33 -4.17 23.63
C THR A 246 -3.03 -3.49 24.01
N GLN A 247 -1.90 -4.04 23.57
CA GLN A 247 -0.61 -3.50 23.98
C GLN A 247 0.22 -2.97 22.82
N ARG A 248 -0.28 -3.14 21.61
CA ARG A 248 0.48 -2.77 20.42
C ARG A 248 0.52 -1.25 20.30
N MET A 249 1.56 -0.71 19.71
CA MET A 249 1.67 0.73 19.54
C MET A 249 0.52 1.28 18.71
N THR A 250 0.08 2.52 19.01
CA THR A 250 -0.91 3.19 18.20
C THR A 250 -0.26 4.16 17.20
N ILE A 251 -1.05 4.67 16.26
CA ILE A 251 -0.54 5.52 15.21
C ILE A 251 -0.05 6.82 15.83
N THR A 252 -0.72 7.29 16.87
CA THR A 252 -0.30 8.51 17.54
C THR A 252 1.07 8.37 18.19
N GLU A 253 1.31 7.24 18.83
CA GLU A 253 2.58 6.95 19.48
C GLU A 253 3.67 6.82 18.46
N PHE A 254 3.34 6.15 17.36
CA PHE A 254 4.26 5.97 16.23
C PHE A 254 4.68 7.28 15.58
N MET A 255 3.71 8.14 15.24
CA MET A 255 4.05 9.41 14.56
C MET A 255 4.72 10.40 15.53
N ASN A 256 4.56 10.16 16.82
CA ASN A 256 5.28 10.90 17.83
C ASN A 256 6.64 10.32 18.20
N HIS A 257 7.03 9.19 17.62
CA HIS A 257 8.33 8.63 17.91
C HIS A 257 9.44 9.47 17.29
N PRO A 258 10.52 9.69 18.04
CA PRO A 258 11.63 10.49 17.52
C PRO A 258 12.21 9.97 16.21
N TRP A 259 12.16 8.67 15.98
CA TRP A 259 12.76 8.11 14.75
C TRP A 259 11.93 8.51 13.51
N ILE A 260 10.63 8.75 13.73
CA ILE A 260 9.73 9.15 12.65
C ILE A 260 9.62 10.65 12.61
N MET A 261 9.42 11.24 13.77
CA MET A 261 9.27 12.68 13.87
C MET A 261 10.51 13.42 13.34
N GLN A 262 11.70 12.88 13.57
CA GLN A 262 12.94 13.50 13.05
C GLN A 262 13.58 12.67 11.98
N SER A 263 12.76 12.22 11.05
CA SER A 263 13.18 11.21 10.08
C SER A 263 14.38 11.70 9.33
N THR A 264 14.30 12.94 8.85
CA THR A 264 15.36 13.60 8.08
C THR A 264 16.70 13.78 8.82
N LYS A 265 16.73 13.53 10.13
CA LYS A 265 17.99 13.66 10.90
C LYS A 265 18.38 12.33 11.60
N VAL A 266 17.93 11.22 10.99
CA VAL A 266 18.21 9.84 11.43
C VAL A 266 19.52 9.41 10.81
N PRO A 267 20.32 8.61 11.49
CA PRO A 267 21.60 8.21 10.91
C PRO A 267 21.46 7.51 9.56
N GLN A 268 22.36 7.81 8.63
CA GLN A 268 22.38 7.17 7.34
C GLN A 268 23.12 5.83 7.37
N THR A 269 22.81 4.99 8.35
CA THR A 269 23.35 3.63 8.40
C THR A 269 23.10 2.87 7.08
N PRO A 270 24.17 2.43 6.40
CA PRO A 270 23.95 1.59 5.21
C PRO A 270 23.33 0.26 5.59
N LEU A 271 22.39 -0.21 4.80
CA LEU A 271 21.59 -1.35 5.20
C LEU A 271 21.78 -2.45 4.19
N HIS A 272 21.45 -3.67 4.59
CA HIS A 272 21.55 -4.83 3.72
C HIS A 272 20.35 -5.01 2.77
N THR A 273 19.32 -4.17 2.92
CA THR A 273 18.00 -4.37 2.32
C THR A 273 18.00 -4.65 0.81
N SER A 274 18.66 -3.81 0.05
CA SER A 274 18.61 -3.96 -1.39
C SER A 274 19.30 -5.24 -1.87
N ARG A 275 20.42 -5.59 -1.25
CA ARG A 275 21.18 -6.75 -1.69
C ARG A 275 20.40 -8.00 -1.32
N VAL A 276 19.73 -7.97 -0.18
CA VAL A 276 18.97 -9.15 0.28
C VAL A 276 17.76 -9.35 -0.60
N LEU A 277 17.11 -8.27 -0.99
CA LEU A 277 15.95 -8.34 -1.88
C LEU A 277 16.33 -8.96 -3.23
N LYS A 278 17.49 -8.58 -3.76
CA LYS A 278 17.99 -9.21 -5.00
C LYS A 278 18.30 -10.67 -4.74
N GLU A 279 19.12 -10.93 -3.72
CA GLU A 279 19.51 -12.30 -3.38
C GLU A 279 18.29 -13.20 -3.21
N ASP A 280 17.28 -12.72 -2.51
CA ASP A 280 16.13 -13.55 -2.18
C ASP A 280 14.93 -13.36 -3.12
N LYS A 281 15.13 -12.76 -4.29
CA LYS A 281 13.99 -12.38 -5.16
C LYS A 281 13.08 -13.54 -5.56
N GLU A 282 13.60 -14.76 -5.61
CA GLU A 282 12.75 -15.92 -5.93
C GLU A 282 11.76 -16.27 -4.81
N ARG A 283 11.91 -15.62 -3.66
CA ARG A 283 11.11 -15.90 -2.48
C ARG A 283 10.10 -14.77 -2.20
N TRP A 284 10.14 -13.69 -2.98
CA TRP A 284 9.27 -12.55 -2.73
C TRP A 284 7.77 -12.89 -2.85
N GLU A 285 7.38 -13.63 -3.87
CA GLU A 285 5.98 -14.04 -3.96
C GLU A 285 5.57 -14.71 -2.69
N ASP A 286 6.43 -15.58 -2.16
CA ASP A 286 6.17 -16.27 -0.90
C ASP A 286 6.03 -15.29 0.24
N VAL A 287 6.89 -14.29 0.27
CA VAL A 287 6.77 -13.27 1.29
C VAL A 287 5.38 -12.61 1.21
N LYS A 288 4.97 -12.19 0.02
CA LYS A 288 3.73 -11.47 -0.12
C LYS A 288 2.59 -12.36 0.25
N GLU A 289 2.73 -13.65 -0.01
CA GLU A 289 1.64 -14.56 0.26
C GLU A 289 1.51 -14.85 1.76
N GLU A 290 2.65 -14.93 2.45
CA GLU A 290 2.64 -15.08 3.89
C GLU A 290 1.97 -13.83 4.50
N MET A 291 2.27 -12.65 3.97
CA MET A 291 1.71 -11.48 4.58
C MET A 291 0.21 -11.41 4.36
N THR A 292 -0.24 -11.72 3.16
CA THR A 292 -1.65 -11.80 2.87
C THR A 292 -2.36 -12.83 3.76
N SER A 293 -1.79 -14.01 3.94
CA SER A 293 -2.46 -15.00 4.78
C SER A 293 -2.49 -14.48 6.18
N ALA A 294 -1.37 -13.96 6.68
CA ALA A 294 -1.31 -13.39 8.02
C ALA A 294 -2.36 -12.28 8.24
N LEU A 295 -2.42 -11.34 7.32
CA LEU A 295 -3.46 -10.29 7.37
C LEU A 295 -4.87 -10.83 7.54
N ALA A 296 -5.19 -11.87 6.78
CA ALA A 296 -6.52 -12.45 6.84
C ALA A 296 -6.84 -12.91 8.27
N THR A 297 -5.83 -13.26 9.04
CA THR A 297 -6.07 -13.70 10.40
C THR A 297 -5.90 -12.61 11.44
N MET A 298 -5.30 -11.47 11.08
CA MET A 298 -5.15 -10.36 12.02
C MET A 298 -6.28 -9.35 11.92
N ARG A 299 -6.95 -9.29 10.77
CA ARG A 299 -8.05 -8.35 10.56
C ARG A 299 -9.15 -8.49 11.56
F1 L8I B . 0.30 0.35 -11.55
C2 L8I B . 0.14 1.28 -12.50
C3 L8I B . -0.81 2.29 -12.38
C4 L8I B . -0.95 3.25 -13.36
C6 L8I B . -0.14 3.20 -14.49
C8 L8I B . 0.83 2.19 -14.61
C10 L8I B . 0.96 1.22 -13.62
C12 L8I B . -1.72 2.38 -11.23
N13 L8I B . -2.16 3.61 -10.92
C14 L8I B . -3.02 3.82 -9.91
C16 L8I B . -3.48 2.74 -9.15
C17 L8I B . -3.02 1.46 -9.46
C18 L8I B . -2.14 1.26 -10.52
C20 L8I B . -3.53 0.33 -8.64
N21 L8I B . -3.09 -0.89 -8.57
C23 L8I B . -3.81 -1.60 -7.74
C24 L8I B . -4.79 -0.83 -7.21
C25 L8I B . -4.58 0.48 -7.84
C26 L8I B . -5.37 1.76 -7.70
C29 L8I B . -4.45 2.98 -7.98
C32 L8I B . -5.80 -1.34 -6.27
N33 L8I B . -5.83 -2.67 -6.03
C35 L8I B . -4.89 -3.61 -6.63
C38 L8I B . -3.64 -3.05 -7.34
C39 L8I B . -2.34 -3.17 -6.52
N42 L8I B . -1.94 -4.34 -7.33
C43 L8I B . -3.03 -4.09 -8.31
C46 L8I B . -1.92 -5.64 -6.60
O50 L8I B . -6.65 -0.61 -5.78
MG MG C . -4.55 11.62 -2.13
#